data_2E7P
#
_entry.id   2E7P
#
_cell.length_a   97.774
_cell.length_b   97.774
_cell.length_c   91.510
_cell.angle_alpha   90.00
_cell.angle_beta   90.00
_cell.angle_gamma   120.00
#
_symmetry.space_group_name_H-M   'P 61'
#
loop_
_entity.id
_entity.type
_entity.pdbx_description
1 polymer Glutaredoxin
2 non-polymer 'FE2/S2 (INORGANIC) CLUSTER'
3 non-polymer GLUTATHIONE
4 water water
#
_entity_poly.entity_id   1
_entity_poly.type   'polypeptide(L)'
_entity_poly.pdbx_seq_one_letter_code
;MSKQELDAALKKAKELASSAPVVVFSKTYCGYCNRVKQLLTQVGASYKVVELDELSDGSQLQSALAHWTGRGTVPNVFIG
GKQIGGCDTVVEKHQRNELLPLLQDAAATAKTSAQL
;
_entity_poly.pdbx_strand_id   A,B,C,D
#
# COMPACT_ATOMS: atom_id res chain seq x y z
N SER A 2 -14.06 -17.79 -18.23
CA SER A 2 -14.47 -18.06 -16.82
C SER A 2 -15.27 -16.90 -16.21
N LYS A 3 -16.32 -16.47 -16.92
CA LYS A 3 -17.24 -15.45 -16.44
C LYS A 3 -18.03 -15.97 -15.23
N GLN A 4 -17.98 -17.29 -15.03
CA GLN A 4 -18.67 -17.90 -13.90
C GLN A 4 -17.84 -17.99 -12.62
N GLU A 5 -16.51 -17.81 -12.73
CA GLU A 5 -15.72 -17.55 -11.52
C GLU A 5 -15.96 -16.10 -11.08
N LEU A 6 -16.35 -15.27 -12.05
CA LEU A 6 -16.67 -13.86 -11.86
C LEU A 6 -18.12 -13.65 -11.41
N ASP A 7 -19.03 -14.54 -11.82
CA ASP A 7 -20.39 -14.49 -11.29
C ASP A 7 -20.39 -15.04 -9.87
N ALA A 8 -19.61 -16.08 -9.63
CA ALA A 8 -19.48 -16.68 -8.30
C ALA A 8 -18.87 -15.69 -7.31
N ALA A 9 -17.78 -15.03 -7.73
CA ALA A 9 -17.15 -13.96 -6.94
C ALA A 9 -18.12 -12.80 -6.68
N LEU A 10 -18.84 -12.33 -7.70
CA LEU A 10 -19.85 -11.28 -7.47
C LEU A 10 -20.89 -11.73 -6.44
N LYS A 11 -21.43 -12.94 -6.61
CA LYS A 11 -22.36 -13.49 -5.62
C LYS A 11 -21.76 -13.46 -4.19
N LYS A 12 -20.56 -14.04 -4.04
CA LYS A 12 -19.89 -14.11 -2.74
C LYS A 12 -19.65 -12.71 -2.18
N ALA A 13 -19.36 -11.75 -3.07
CA ALA A 13 -19.10 -10.36 -2.68
C ALA A 13 -20.33 -9.69 -2.12
N LYS A 14 -21.46 -9.89 -2.80
CA LYS A 14 -22.73 -9.29 -2.37
C LYS A 14 -23.17 -9.83 -0.99
N GLU A 15 -22.95 -11.14 -0.77
CA GLU A 15 -23.30 -11.79 0.48
C GLU A 15 -22.43 -11.26 1.62
N LEU A 16 -21.13 -11.11 1.34
CA LEU A 16 -20.14 -10.58 2.28
C LEU A 16 -20.48 -9.17 2.72
N ALA A 17 -20.79 -8.32 1.76
CA ALA A 17 -21.04 -6.90 1.98
C ALA A 17 -22.19 -6.63 2.91
N SER A 18 -23.18 -7.53 2.90
CA SER A 18 -24.37 -7.32 3.69
C SER A 18 -24.38 -8.22 4.94
N SER A 19 -23.30 -8.98 5.16
CA SER A 19 -23.22 -9.96 6.25
C SER A 19 -23.06 -9.35 7.68
N ALA A 20 -22.89 -8.03 7.75
CA ALA A 20 -22.82 -7.33 9.04
C ALA A 20 -23.17 -5.90 8.79
N PRO A 21 -23.55 -5.15 9.84
CA PRO A 21 -23.83 -3.70 9.73
C PRO A 21 -22.70 -2.82 9.18
N VAL A 22 -21.45 -3.14 9.49
CA VAL A 22 -20.30 -2.45 8.88
C VAL A 22 -19.33 -3.50 8.37
N VAL A 23 -19.00 -3.41 7.08
CA VAL A 23 -18.12 -4.38 6.45
C VAL A 23 -16.96 -3.63 5.77
N VAL A 24 -15.75 -4.11 6.01
CA VAL A 24 -14.55 -3.45 5.48
C VAL A 24 -13.82 -4.48 4.68
N PHE A 25 -13.90 -4.34 3.36
CA PHE A 25 -13.04 -5.11 2.47
C PHE A 25 -11.66 -4.45 2.56
N SER A 26 -10.66 -5.28 2.78
CA SER A 26 -9.40 -4.84 3.32
C SER A 26 -8.29 -5.76 2.83
N LYS A 27 -7.03 -5.36 3.00
CA LYS A 27 -5.93 -6.28 2.98
C LYS A 27 -5.14 -6.08 4.28
N THR A 28 -4.73 -7.20 4.88
CA THR A 28 -4.21 -7.20 6.25
C THR A 28 -3.00 -6.28 6.47
N TYR A 29 -2.19 -6.16 5.41
CA TYR A 29 -0.94 -5.39 5.46
C TYR A 29 -1.10 -3.90 5.25
N CYS A 30 -2.24 -3.46 4.68
CA CYS A 30 -2.45 -2.07 4.19
C CYS A 30 -2.69 -1.01 5.26
N GLY A 31 -1.79 -0.03 5.30
CA GLY A 31 -1.89 1.12 6.18
C GLY A 31 -3.17 1.88 5.96
N TYR A 32 -3.63 2.06 4.70
CA TYR A 32 -4.90 2.81 4.48
C TYR A 32 -6.10 2.05 5.07
N CYS A 33 -6.04 0.72 4.93
CA CYS A 33 -7.01 -0.14 5.58
C CYS A 33 -6.96 -0.03 7.09
N ASN A 34 -5.77 -0.01 7.66
CA ASN A 34 -5.62 0.19 9.11
C ASN A 34 -6.12 1.53 9.61
N ARG A 35 -5.95 2.59 8.81
CA ARG A 35 -6.42 3.93 9.18
C ARG A 35 -7.93 3.95 9.31
N VAL A 36 -8.61 3.31 8.38
CA VAL A 36 -10.05 3.13 8.50
C VAL A 36 -10.49 2.27 9.72
N LYS A 37 -9.82 1.13 9.93
CA LYS A 37 -10.12 0.28 11.08
C LYS A 37 -9.94 1.05 12.39
N GLN A 38 -8.80 1.71 12.53
CA GLN A 38 -8.53 2.55 13.69
C GLN A 38 -9.64 3.61 13.93
N LEU A 39 -10.04 4.31 12.86
CA LEU A 39 -11.06 5.35 13.02
C LEU A 39 -12.41 4.80 13.46
N LEU A 40 -12.85 3.73 12.81
CA LEU A 40 -14.10 3.10 13.19
C LEU A 40 -14.10 2.64 14.67
N THR A 41 -12.98 2.09 15.13
CA THR A 41 -12.87 1.64 16.52
C THR A 41 -12.94 2.83 17.47
N GLN A 42 -12.26 3.93 17.13
CA GLN A 42 -12.23 5.12 17.97
C GLN A 42 -13.59 5.81 18.06
N VAL A 43 -14.40 5.72 17.00
CA VAL A 43 -15.75 6.31 17.13
C VAL A 43 -16.75 5.41 17.86
N GLY A 44 -16.32 4.18 18.15
CA GLY A 44 -17.18 3.25 18.90
C GLY A 44 -18.03 2.37 18.03
N ALA A 45 -17.67 2.26 16.75
CA ALA A 45 -18.35 1.34 15.84
C ALA A 45 -17.79 -0.07 15.90
N SER A 46 -18.66 -1.00 15.52
CA SER A 46 -18.32 -2.38 15.33
C SER A 46 -18.36 -2.69 13.82
N TYR A 47 -17.37 -3.43 13.32
CA TYR A 47 -17.22 -3.71 11.91
C TYR A 47 -16.81 -5.13 11.73
N LYS A 48 -17.17 -5.70 10.59
CA LYS A 48 -16.57 -6.94 10.15
C LYS A 48 -15.56 -6.61 9.06
N VAL A 49 -14.44 -7.33 9.06
CA VAL A 49 -13.47 -7.11 8.00
C VAL A 49 -13.33 -8.34 7.11
N VAL A 50 -13.23 -8.13 5.81
CA VAL A 50 -12.89 -9.20 4.86
C VAL A 50 -11.50 -8.93 4.31
N GLU A 51 -10.51 -9.74 4.67
CA GLU A 51 -9.15 -9.55 4.18
C GLU A 51 -8.94 -10.30 2.86
N LEU A 52 -8.94 -9.56 1.76
CA LEU A 52 -8.90 -10.15 0.42
C LEU A 52 -7.59 -10.83 0.08
N ASP A 53 -6.54 -10.40 0.75
CA ASP A 53 -5.25 -11.00 0.57
C ASP A 53 -5.20 -12.37 1.21
N GLU A 54 -6.17 -12.68 2.08
CA GLU A 54 -6.19 -13.98 2.75
C GLU A 54 -7.05 -15.04 2.07
N LEU A 55 -7.82 -14.61 1.06
CA LEU A 55 -8.69 -15.48 0.26
C LEU A 55 -7.99 -15.90 -1.05
N SER A 56 -8.29 -17.11 -1.53
CA SER A 56 -7.71 -17.60 -2.80
C SER A 56 -8.43 -16.95 -4.00
N ASP A 57 -9.67 -16.55 -3.77
CA ASP A 57 -10.45 -15.80 -4.76
C ASP A 57 -10.46 -14.26 -4.52
N GLY A 58 -9.45 -13.77 -3.78
CA GLY A 58 -9.37 -12.34 -3.45
C GLY A 58 -9.35 -11.42 -4.66
N SER A 59 -8.51 -11.71 -5.64
CA SER A 59 -8.49 -10.87 -6.86
C SER A 59 -9.82 -10.85 -7.58
N GLN A 60 -10.51 -11.98 -7.60
CA GLN A 60 -11.84 -12.08 -8.26
C GLN A 60 -12.92 -11.28 -7.53
N LEU A 61 -12.91 -11.36 -6.19
CA LEU A 61 -13.75 -10.48 -5.38
C LEU A 61 -13.49 -9.00 -5.65
N GLN A 62 -12.22 -8.61 -5.83
CA GLN A 62 -11.90 -7.19 -6.14
C GLN A 62 -12.43 -6.73 -7.49
N SER A 63 -12.31 -7.59 -8.51
CA SER A 63 -12.93 -7.29 -9.83
C SER A 63 -14.43 -7.19 -9.66
N ALA A 64 -15.02 -8.17 -8.98
CA ALA A 64 -16.46 -8.13 -8.63
C ALA A 64 -16.80 -6.79 -7.98
N LEU A 65 -16.01 -6.41 -6.96
CA LEU A 65 -16.22 -5.14 -6.27
C LEU A 65 -16.05 -3.95 -7.21
N ALA A 66 -15.05 -4.04 -8.10
CA ALA A 66 -14.86 -2.99 -9.12
C ALA A 66 -16.05 -2.93 -10.07
N HIS A 67 -16.40 -4.06 -10.67
CA HIS A 67 -17.62 -4.11 -11.52
C HIS A 67 -18.83 -3.53 -10.80
N TRP A 68 -19.11 -4.04 -9.59
CA TRP A 68 -20.32 -3.67 -8.83
C TRP A 68 -20.32 -2.24 -8.28
N THR A 69 -19.26 -1.84 -7.57
CA THR A 69 -19.27 -0.58 -6.80
C THR A 69 -18.57 0.60 -7.47
N GLY A 70 -17.73 0.33 -8.47
CA GLY A 70 -16.88 1.36 -9.06
C GLY A 70 -15.55 1.54 -8.33
N ARG A 71 -15.27 0.64 -7.38
CA ARG A 71 -14.05 0.68 -6.56
C ARG A 71 -13.43 -0.67 -6.53
N GLY A 72 -12.24 -0.79 -7.11
CA GLY A 72 -11.49 -2.05 -7.06
C GLY A 72 -10.37 -2.04 -6.02
N THR A 73 -10.17 -0.90 -5.36
CA THR A 73 -9.11 -0.79 -4.35
C THR A 73 -9.60 -1.08 -2.93
N VAL A 74 -8.66 -1.26 -2.01
CA VAL A 74 -8.99 -1.34 -0.60
C VAL A 74 -8.41 -0.11 0.14
N PRO A 75 -9.06 0.33 1.26
CA PRO A 75 -10.27 -0.30 1.81
C PRO A 75 -11.51 0.04 0.98
N ASN A 76 -12.51 -0.84 1.06
CA ASN A 76 -13.85 -0.64 0.49
C ASN A 76 -14.89 -0.84 1.59
N VAL A 77 -15.50 0.26 2.03
CA VAL A 77 -16.28 0.24 3.26
C VAL A 77 -17.78 0.28 2.95
N PHE A 78 -18.52 -0.70 3.49
CA PHE A 78 -19.97 -0.76 3.43
C PHE A 78 -20.58 -0.53 4.81
N ILE A 79 -21.60 0.33 4.87
CA ILE A 79 -22.41 0.55 6.07
C ILE A 79 -23.89 0.20 5.77
N GLY A 80 -24.51 -0.60 6.64
CA GLY A 80 -25.87 -1.09 6.41
C GLY A 80 -26.02 -1.65 5.01
N GLY A 81 -24.96 -2.27 4.48
CA GLY A 81 -25.00 -2.93 3.19
C GLY A 81 -24.87 -2.04 1.97
N LYS A 82 -24.73 -0.74 2.20
CA LYS A 82 -24.56 0.26 1.15
C LYS A 82 -23.07 0.66 1.08
N GLN A 83 -22.51 0.65 -0.12
CA GLN A 83 -21.12 1.02 -0.33
C GLN A 83 -20.86 2.51 -0.01
N ILE A 84 -19.87 2.78 0.84
CA ILE A 84 -19.54 4.14 1.26
C ILE A 84 -18.30 4.69 0.55
N GLY A 85 -17.27 3.87 0.46
CA GLY A 85 -16.03 4.30 -0.18
C GLY A 85 -14.77 3.77 0.48
N GLY A 86 -13.70 4.52 0.31
CA GLY A 86 -12.38 4.07 0.76
C GLY A 86 -11.90 4.91 1.93
N CYS A 87 -10.60 4.93 2.14
CA CYS A 87 -10.04 5.54 3.34
C CYS A 87 -10.31 7.04 3.32
N ASP A 88 -9.87 7.71 2.26
CA ASP A 88 -10.15 9.15 2.06
C ASP A 88 -11.62 9.52 2.28
N THR A 89 -12.56 8.75 1.72
CA THR A 89 -13.99 9.07 1.84
C THR A 89 -14.44 9.09 3.30
N VAL A 90 -14.07 8.03 4.02
CA VAL A 90 -14.50 7.84 5.40
C VAL A 90 -13.93 8.95 6.28
N VAL A 91 -12.66 9.28 6.06
CA VAL A 91 -11.98 10.32 6.84
C VAL A 91 -12.61 11.69 6.58
N GLU A 92 -12.88 12.00 5.31
CA GLU A 92 -13.55 13.27 4.95
C GLU A 92 -15.00 13.29 5.46
N LYS A 93 -15.76 12.22 5.22
CA LYS A 93 -17.12 12.14 5.77
C LYS A 93 -17.12 12.38 7.27
N HIS A 94 -16.17 11.77 7.97
CA HIS A 94 -16.13 11.88 9.43
C HIS A 94 -15.81 13.29 9.86
N GLN A 95 -14.85 13.92 9.17
CA GLN A 95 -14.50 15.32 9.43
C GLN A 95 -15.70 16.27 9.22
N ARG A 96 -16.65 15.88 8.35
CA ARG A 96 -17.89 16.65 8.14
C ARG A 96 -19.11 16.11 8.90
N ASN A 97 -18.83 15.33 9.95
CA ASN A 97 -19.85 14.71 10.80
C ASN A 97 -20.94 13.94 10.07
N GLU A 98 -20.57 13.36 8.94
CA GLU A 98 -21.49 12.57 8.16
C GLU A 98 -21.31 11.09 8.40
N LEU A 99 -20.19 10.71 9.02
CA LEU A 99 -19.95 9.30 9.31
C LEU A 99 -20.90 8.76 10.38
N LEU A 100 -21.01 9.47 11.50
CA LEU A 100 -21.85 9.06 12.63
C LEU A 100 -23.33 8.75 12.31
N PRO A 101 -24.07 9.68 11.68
CA PRO A 101 -25.41 9.38 11.22
C PRO A 101 -25.57 8.07 10.47
N LEU A 102 -24.65 7.75 9.55
CA LEU A 102 -24.72 6.47 8.82
C LEU A 102 -24.56 5.27 9.74
N LEU A 103 -23.59 5.36 10.65
CA LEU A 103 -23.30 4.29 11.60
C LEU A 103 -24.47 4.04 12.57
N GLN A 104 -25.12 5.11 12.98
CA GLN A 104 -26.29 5.05 13.84
C GLN A 104 -27.47 4.32 13.17
N ASP A 105 -27.73 4.65 11.91
CA ASP A 105 -28.80 4.00 11.14
C ASP A 105 -28.54 2.53 10.84
N ALA A 106 -27.28 2.12 10.71
CA ALA A 106 -26.98 0.69 10.52
C ALA A 106 -27.14 -0.09 11.84
N ALA A 107 -27.44 0.66 12.91
CA ALA A 107 -27.90 0.09 14.17
C ALA A 107 -29.42 0.26 14.29
N ALA A 108 -29.89 1.51 14.17
CA ALA A 108 -31.30 1.86 14.31
C ALA A 108 -32.13 1.57 13.05
N LYS B 3 -28.01 8.36 -11.14
CA LYS B 3 -28.16 7.31 -12.18
C LYS B 3 -27.94 7.88 -13.59
N GLN B 4 -28.21 9.18 -13.74
CA GLN B 4 -27.99 9.89 -15.00
C GLN B 4 -26.50 10.21 -15.14
N GLU B 5 -25.92 10.60 -14.00
CA GLU B 5 -24.51 10.94 -13.84
C GLU B 5 -23.55 9.77 -14.13
N LEU B 6 -23.90 8.60 -13.58
CA LEU B 6 -23.19 7.33 -13.76
C LEU B 6 -23.17 6.86 -15.24
N ASP B 7 -24.28 7.09 -15.94
CA ASP B 7 -24.45 6.71 -17.33
C ASP B 7 -23.61 7.58 -18.28
N ALA B 8 -23.52 8.88 -17.96
CA ALA B 8 -22.70 9.83 -18.71
C ALA B 8 -21.18 9.56 -18.60
N ALA B 9 -20.69 9.32 -17.38
CA ALA B 9 -19.26 9.13 -17.12
C ALA B 9 -18.73 7.85 -17.78
N LEU B 10 -19.56 6.81 -17.76
CA LEU B 10 -19.34 5.57 -18.52
C LEU B 10 -19.22 5.83 -20.01
N LYS B 11 -20.08 6.70 -20.54
CA LYS B 11 -20.08 7.05 -21.96
C LYS B 11 -18.80 7.81 -22.34
N LYS B 12 -18.37 8.72 -21.47
CA LYS B 12 -17.16 9.49 -21.73
C LYS B 12 -15.89 8.59 -21.69
N ALA B 13 -15.84 7.71 -20.70
CA ALA B 13 -14.77 6.71 -20.55
C ALA B 13 -14.66 5.90 -21.83
N LYS B 14 -15.80 5.35 -22.27
CA LYS B 14 -15.86 4.50 -23.46
C LYS B 14 -15.42 5.26 -24.70
N GLU B 15 -15.76 6.55 -24.79
CA GLU B 15 -15.34 7.39 -25.91
C GLU B 15 -13.85 7.63 -25.91
N LEU B 16 -13.30 7.90 -24.73
CA LEU B 16 -11.86 8.17 -24.62
C LEU B 16 -11.09 6.92 -24.94
N ALA B 17 -11.58 5.78 -24.43
CA ALA B 17 -10.96 4.47 -24.64
C ALA B 17 -10.68 4.20 -26.13
N SER B 18 -11.58 4.65 -27.00
CA SER B 18 -11.53 4.37 -28.44
C SER B 18 -11.06 5.54 -29.28
N SER B 19 -10.60 6.61 -28.63
CA SER B 19 -10.29 7.87 -29.31
C SER B 19 -8.95 7.91 -29.99
N ALA B 20 -8.13 6.88 -29.73
CA ALA B 20 -6.82 6.76 -30.35
C ALA B 20 -6.50 5.27 -30.53
N PRO B 21 -5.49 4.94 -31.38
CA PRO B 21 -5.14 3.53 -31.59
C PRO B 21 -4.70 2.88 -30.29
N VAL B 22 -3.98 3.64 -29.45
CA VAL B 22 -3.67 3.21 -28.08
C VAL B 22 -4.07 4.31 -27.10
N VAL B 23 -4.82 3.94 -26.05
CA VAL B 23 -5.20 4.89 -24.98
C VAL B 23 -4.80 4.30 -23.62
N VAL B 24 -4.08 5.13 -22.87
CA VAL B 24 -3.61 4.84 -21.53
C VAL B 24 -4.27 5.80 -20.54
N PHE B 25 -5.22 5.28 -19.76
CA PHE B 25 -5.70 6.01 -18.58
C PHE B 25 -4.67 5.88 -17.48
N SER B 26 -4.26 7.02 -16.96
CA SER B 26 -2.99 7.18 -16.25
C SER B 26 -3.17 8.11 -15.03
N LYS B 27 -2.17 8.11 -14.15
CA LYS B 27 -1.94 9.25 -13.19
C LYS B 27 -0.48 9.66 -13.28
N THR B 28 -0.24 10.97 -13.21
CA THR B 28 1.06 11.53 -13.50
C THR B 28 2.15 10.99 -12.60
N TYR B 29 1.81 10.55 -11.40
CA TYR B 29 2.85 10.18 -10.41
C TYR B 29 3.04 8.67 -10.34
N CYS B 30 2.17 7.94 -11.05
CA CYS B 30 2.13 6.47 -10.93
C CYS B 30 3.33 5.77 -11.61
N GLY B 31 4.15 5.07 -10.81
CA GLY B 31 5.25 4.23 -11.33
C GLY B 31 4.91 3.18 -12.40
N TYR B 32 3.75 2.53 -12.27
CA TYR B 32 3.24 1.61 -13.30
C TYR B 32 2.84 2.35 -14.59
N CYS B 33 2.28 3.54 -14.46
CA CYS B 33 1.99 4.34 -15.61
C CYS B 33 3.30 4.78 -16.33
N ASN B 34 4.31 5.19 -15.55
CA ASN B 34 5.60 5.58 -16.09
C ASN B 34 6.16 4.40 -16.87
N ARG B 35 6.10 3.22 -16.26
CA ARG B 35 6.69 2.03 -16.83
C ARG B 35 6.00 1.64 -18.15
N VAL B 36 4.66 1.70 -18.16
CA VAL B 36 3.91 1.36 -19.35
C VAL B 36 4.14 2.34 -20.48
N LYS B 37 4.18 3.65 -20.19
CA LYS B 37 4.56 4.67 -21.17
C LYS B 37 5.97 4.51 -21.73
N GLN B 38 6.95 4.17 -20.90
CA GLN B 38 8.28 3.93 -21.41
C GLN B 38 8.32 2.73 -22.36
N LEU B 39 7.50 1.70 -22.06
CA LEU B 39 7.47 0.49 -22.86
C LEU B 39 6.80 0.77 -24.19
N LEU B 40 5.69 1.50 -24.17
CA LEU B 40 4.98 1.84 -25.40
C LEU B 40 5.85 2.68 -26.33
N THR B 41 6.52 3.66 -25.75
CA THR B 41 7.55 4.42 -26.45
C THR B 41 8.63 3.49 -26.99
N GLN B 42 9.14 2.61 -26.15
CA GLN B 42 10.17 1.66 -26.59
C GLN B 42 9.80 0.92 -27.88
N VAL B 43 8.56 0.47 -28.01
CA VAL B 43 8.11 -0.35 -29.15
C VAL B 43 7.47 0.46 -30.30
N GLY B 44 7.58 1.79 -30.19
CA GLY B 44 7.15 2.69 -31.23
C GLY B 44 5.66 2.95 -31.28
N ALA B 45 4.93 2.60 -30.22
CA ALA B 45 3.47 2.82 -30.25
C ALA B 45 3.10 4.30 -30.38
N SER B 46 2.03 4.54 -31.13
CA SER B 46 1.34 5.82 -31.11
C SER B 46 0.31 5.73 -30.00
N TYR B 47 0.47 6.47 -28.92
CA TYR B 47 -0.51 6.37 -27.83
C TYR B 47 -0.88 7.72 -27.27
N LYS B 48 -2.11 7.79 -26.80
CA LYS B 48 -2.67 8.97 -26.16
C LYS B 48 -2.77 8.66 -24.65
N VAL B 49 -2.36 9.60 -23.83
CA VAL B 49 -2.46 9.43 -22.39
C VAL B 49 -3.60 10.31 -21.86
N VAL B 50 -4.46 9.72 -21.04
CA VAL B 50 -5.47 10.45 -20.28
C VAL B 50 -5.04 10.47 -18.80
N GLU B 51 -4.47 11.59 -18.32
CA GLU B 51 -4.07 11.73 -16.92
C GLU B 51 -5.27 12.05 -16.04
N LEU B 52 -5.76 11.04 -15.34
CA LEU B 52 -6.97 11.19 -14.56
C LEU B 52 -6.86 12.23 -13.44
N ASP B 53 -5.64 12.44 -12.91
CA ASP B 53 -5.41 13.39 -11.80
C ASP B 53 -5.27 14.83 -12.30
N GLU B 54 -5.28 14.97 -13.62
CA GLU B 54 -5.30 16.30 -14.22
C GLU B 54 -6.73 16.72 -14.61
N LEU B 55 -7.70 15.83 -14.37
CA LEU B 55 -9.11 16.07 -14.74
C LEU B 55 -10.02 16.16 -13.52
N SER B 56 -10.89 17.16 -13.49
CA SER B 56 -11.82 17.33 -12.34
C SER B 56 -12.78 16.16 -12.20
N ASP B 57 -13.10 15.52 -13.33
CA ASP B 57 -13.91 14.29 -13.29
C ASP B 57 -13.07 13.01 -13.34
N GLY B 58 -11.79 13.14 -13.01
CA GLY B 58 -10.88 12.02 -12.93
C GLY B 58 -11.43 10.90 -12.10
N SER B 59 -11.96 11.25 -10.93
CA SER B 59 -12.45 10.22 -10.04
C SER B 59 -13.67 9.46 -10.64
N GLN B 60 -14.58 10.20 -11.26
CA GLN B 60 -15.78 9.59 -11.86
C GLN B 60 -15.41 8.74 -13.06
N LEU B 61 -14.45 9.23 -13.84
CA LEU B 61 -13.85 8.47 -14.93
C LEU B 61 -13.23 7.17 -14.46
N GLN B 62 -12.40 7.23 -13.42
CA GLN B 62 -11.83 6.03 -12.83
C GLN B 62 -12.91 5.07 -12.36
N SER B 63 -13.93 5.62 -11.71
CA SER B 63 -15.04 4.78 -11.24
C SER B 63 -15.83 4.14 -12.41
N ALA B 64 -16.09 4.93 -13.45
CA ALA B 64 -16.65 4.38 -14.71
C ALA B 64 -15.78 3.23 -15.22
N LEU B 65 -14.46 3.45 -15.28
CA LEU B 65 -13.54 2.39 -15.73
C LEU B 65 -13.62 1.15 -14.90
N ALA B 66 -13.83 1.30 -13.59
CA ALA B 66 -13.92 0.11 -12.74
C ALA B 66 -15.21 -0.72 -12.96
N HIS B 67 -16.34 -0.03 -13.08
CA HIS B 67 -17.68 -0.65 -13.35
C HIS B 67 -17.60 -1.51 -14.61
N TRP B 68 -17.07 -0.86 -15.64
CA TRP B 68 -16.99 -1.36 -17.00
C TRP B 68 -15.93 -2.42 -17.16
N THR B 69 -14.67 -2.13 -16.77
CA THR B 69 -13.57 -3.06 -17.02
C THR B 69 -13.31 -4.01 -15.85
N GLY B 70 -13.80 -3.64 -14.66
CA GLY B 70 -13.50 -4.44 -13.47
C GLY B 70 -12.10 -4.18 -12.93
N ARG B 71 -11.41 -3.22 -13.55
CA ARG B 71 -10.06 -2.82 -13.16
C ARG B 71 -10.19 -1.48 -12.43
N GLY B 72 -9.69 -1.47 -11.19
CA GLY B 72 -9.80 -0.29 -10.32
C GLY B 72 -8.55 0.57 -10.20
N THR B 73 -7.50 0.21 -10.93
CA THR B 73 -6.21 0.86 -10.86
C THR B 73 -5.79 1.45 -12.22
N VAL B 74 -4.82 2.38 -12.17
CA VAL B 74 -4.11 2.89 -13.34
C VAL B 74 -2.71 2.19 -13.42
N PRO B 75 -2.19 1.96 -14.63
CA PRO B 75 -2.80 2.35 -15.90
C PRO B 75 -3.93 1.41 -16.36
N ASN B 76 -4.76 1.92 -17.25
CA ASN B 76 -5.81 1.14 -17.86
C ASN B 76 -5.66 1.35 -19.37
N VAL B 77 -5.24 0.30 -20.07
CA VAL B 77 -4.66 0.45 -21.41
C VAL B 77 -5.62 -0.15 -22.45
N PHE B 78 -5.86 0.57 -23.54
CA PHE B 78 -6.70 0.11 -24.62
C PHE B 78 -5.88 0.09 -25.91
N ILE B 79 -5.97 -0.97 -26.69
CA ILE B 79 -5.36 -1.01 -28.04
C ILE B 79 -6.44 -1.42 -29.08
N GLY B 80 -6.60 -0.58 -30.10
CA GLY B 80 -7.66 -0.73 -31.09
C GLY B 80 -9.06 -0.68 -30.52
N GLY B 81 -9.28 0.18 -29.52
CA GLY B 81 -10.58 0.25 -28.84
C GLY B 81 -10.82 -0.90 -27.91
N LYS B 82 -9.89 -1.86 -27.84
CA LYS B 82 -10.09 -3.05 -27.02
C LYS B 82 -9.32 -2.97 -25.69
N GLN B 83 -9.92 -3.53 -24.64
CA GLN B 83 -9.33 -3.56 -23.28
C GLN B 83 -8.15 -4.50 -23.25
N ILE B 84 -7.01 -4.03 -22.77
CA ILE B 84 -5.87 -4.92 -22.61
C ILE B 84 -5.64 -5.23 -21.12
N GLY B 85 -5.52 -4.17 -20.33
CA GLY B 85 -5.34 -4.32 -18.91
C GLY B 85 -4.35 -3.28 -18.40
N GLY B 86 -3.57 -3.67 -17.39
CA GLY B 86 -2.66 -2.72 -16.71
C GLY B 86 -1.21 -2.84 -17.17
N CYS B 87 -0.29 -2.32 -16.35
CA CYS B 87 1.11 -2.36 -16.71
C CYS B 87 1.61 -3.80 -16.77
N ASP B 88 1.27 -4.61 -15.77
CA ASP B 88 1.71 -6.02 -15.77
C ASP B 88 1.26 -6.75 -17.05
N THR B 89 0.02 -6.48 -17.47
CA THR B 89 -0.55 -7.19 -18.63
C THR B 89 0.19 -6.80 -19.88
N VAL B 90 0.45 -5.52 -20.04
CA VAL B 90 1.14 -5.02 -21.23
C VAL B 90 2.56 -5.55 -21.28
N VAL B 91 3.23 -5.58 -20.12
CA VAL B 91 4.60 -6.07 -20.02
C VAL B 91 4.63 -7.57 -20.38
N GLU B 92 3.65 -8.35 -19.90
CA GLU B 92 3.59 -9.79 -20.27
C GLU B 92 3.36 -10.02 -21.76
N LYS B 93 2.49 -9.22 -22.37
CA LYS B 93 2.28 -9.23 -23.83
C LYS B 93 3.61 -9.01 -24.56
N HIS B 94 4.36 -8.03 -24.08
CA HIS B 94 5.64 -7.68 -24.67
C HIS B 94 6.64 -8.84 -24.54
N GLN B 95 6.66 -9.48 -23.38
CA GLN B 95 7.55 -10.61 -23.15
C GLN B 95 7.22 -11.79 -24.04
N ARG B 96 5.92 -11.95 -24.32
CA ARG B 96 5.42 -12.98 -25.26
C ARG B 96 5.50 -12.56 -26.75
N ASN B 97 6.06 -11.37 -27.00
CA ASN B 97 6.09 -10.71 -28.32
C ASN B 97 4.69 -10.63 -28.97
N GLU B 98 3.69 -10.41 -28.13
CA GLU B 98 2.29 -10.22 -28.58
C GLU B 98 1.91 -8.77 -28.69
N LEU B 99 2.78 -7.88 -28.19
CA LEU B 99 2.47 -6.46 -28.17
C LEU B 99 2.63 -5.75 -29.52
N LEU B 100 3.77 -5.99 -30.17
CA LEU B 100 3.95 -5.39 -31.50
C LEU B 100 2.86 -5.86 -32.50
N PRO B 101 2.56 -7.18 -32.55
CA PRO B 101 1.45 -7.54 -33.43
C PRO B 101 0.08 -6.91 -33.13
N LEU B 102 -0.24 -6.65 -31.86
CA LEU B 102 -1.50 -5.97 -31.50
C LEU B 102 -1.46 -4.55 -31.99
N LEU B 103 -0.30 -3.90 -31.84
CA LEU B 103 -0.17 -2.52 -32.30
C LEU B 103 -0.25 -2.46 -33.84
N GLN B 104 0.29 -3.48 -34.52
CA GLN B 104 0.28 -3.49 -35.95
C GLN B 104 -1.15 -3.73 -36.47
N ASP B 105 -1.88 -4.64 -35.82
CA ASP B 105 -3.30 -4.81 -36.07
C ASP B 105 -4.09 -3.48 -35.95
N ALA B 106 -3.92 -2.77 -34.83
CA ALA B 106 -4.60 -1.50 -34.60
C ALA B 106 -4.19 -0.40 -35.61
N ALA B 107 -2.99 -0.55 -36.18
CA ALA B 107 -2.44 0.36 -37.19
C ALA B 107 -2.93 0.14 -38.63
N ALA B 108 -3.74 -0.90 -38.87
CA ALA B 108 -4.26 -1.21 -40.22
C ALA B 108 -4.93 0.02 -40.86
N THR B 109 -5.70 0.77 -40.07
CA THR B 109 -6.35 2.02 -40.49
C THR B 109 -6.07 3.09 -39.42
N ALA B 110 -5.92 4.35 -39.86
CA ALA B 110 -5.64 5.49 -38.97
C ALA B 110 -6.59 5.68 -37.77
N LYS B 111 -7.90 5.53 -37.99
CA LYS B 111 -8.88 5.59 -36.90
C LYS B 111 -9.24 4.15 -36.48
N THR B 112 -9.65 3.97 -35.23
CA THR B 112 -10.17 2.68 -34.78
C THR B 112 -11.59 2.43 -35.40
N SER B 113 -11.74 1.29 -36.05
CA SER B 113 -12.97 0.98 -36.80
C SER B 113 -14.24 0.95 -35.93
N SER C 2 26.35 -14.06 7.94
CA SER C 2 25.43 -12.92 8.25
C SER C 2 26.16 -11.64 8.61
N LYS C 3 27.40 -11.74 9.11
CA LYS C 3 28.10 -10.53 9.53
C LYS C 3 28.64 -9.69 8.37
N GLN C 4 29.53 -10.25 7.56
CA GLN C 4 30.07 -9.52 6.42
C GLN C 4 28.96 -9.24 5.39
N GLU C 5 27.81 -9.88 5.58
CA GLU C 5 26.67 -9.68 4.69
C GLU C 5 25.63 -8.68 5.24
N LEU C 6 25.60 -8.51 6.56
CA LEU C 6 24.85 -7.44 7.21
C LEU C 6 25.51 -6.08 6.94
N ASP C 7 26.85 -6.08 6.89
CA ASP C 7 27.64 -4.90 6.56
C ASP C 7 27.45 -4.52 5.11
N ALA C 8 27.35 -5.53 4.26
CA ALA C 8 27.14 -5.39 2.83
C ALA C 8 25.81 -4.70 2.51
N ALA C 9 24.73 -5.20 3.13
CA ALA C 9 23.37 -4.67 2.92
C ALA C 9 23.25 -3.24 3.45
N LEU C 10 23.85 -2.98 4.60
CA LEU C 10 23.86 -1.65 5.17
C LEU C 10 24.62 -0.71 4.25
N LYS C 11 25.76 -1.18 3.75
CA LYS C 11 26.59 -0.44 2.80
C LYS C 11 25.78 -0.07 1.57
N LYS C 12 25.10 -1.07 1.00
CA LYS C 12 24.29 -0.90 -0.20
C LYS C 12 23.11 0.07 0.05
N ALA C 13 22.40 -0.07 1.17
CA ALA C 13 21.32 0.88 1.52
C ALA C 13 21.80 2.32 1.62
N LYS C 14 22.90 2.54 2.32
CA LYS C 14 23.45 3.89 2.46
C LYS C 14 23.81 4.54 1.11
N GLU C 15 24.34 3.74 0.19
CA GLU C 15 24.70 4.20 -1.13
C GLU C 15 23.45 4.60 -1.90
N LEU C 16 22.49 3.69 -1.95
CA LEU C 16 21.19 3.94 -2.56
C LEU C 16 20.58 5.25 -2.04
N ALA C 17 20.61 5.42 -0.73
CA ALA C 17 19.96 6.58 -0.06
C ALA C 17 20.53 7.95 -0.47
N SER C 18 21.81 7.94 -0.85
CA SER C 18 22.49 9.16 -1.31
C SER C 18 22.66 9.17 -2.82
N SER C 19 22.16 8.15 -3.50
CA SER C 19 22.38 7.98 -4.95
C SER C 19 21.67 8.97 -5.91
N ALA C 20 20.76 9.79 -5.38
CA ALA C 20 20.04 10.77 -6.21
C ALA C 20 19.69 11.90 -5.28
N PRO C 21 19.45 13.09 -5.81
CA PRO C 21 18.97 14.19 -4.95
C PRO C 21 17.75 13.82 -4.09
N VAL C 22 16.81 13.04 -4.61
CA VAL C 22 15.71 12.53 -3.79
C VAL C 22 15.59 11.04 -4.00
N VAL C 23 15.48 10.31 -2.91
CA VAL C 23 15.38 8.86 -2.99
C VAL C 23 14.23 8.38 -2.10
N VAL C 24 13.37 7.58 -2.71
CA VAL C 24 12.21 6.99 -2.02
C VAL C 24 12.34 5.47 -2.01
N PHE C 25 12.64 4.89 -0.86
CA PHE C 25 12.44 3.43 -0.68
C PHE C 25 10.96 3.11 -0.54
N SER C 26 10.50 2.15 -1.33
CA SER C 26 9.10 1.98 -1.65
C SER C 26 8.77 0.48 -1.85
N LYS C 27 7.47 0.16 -1.88
CA LYS C 27 6.97 -1.14 -2.31
C LYS C 27 5.93 -0.79 -3.38
N THR C 28 5.86 -1.61 -4.44
CA THR C 28 5.05 -1.28 -5.62
C THR C 28 3.56 -1.33 -5.28
N TYR C 29 3.20 -2.14 -4.29
CA TYR C 29 1.81 -2.30 -3.92
C TYR C 29 1.26 -1.25 -2.93
N CYS C 30 2.10 -0.34 -2.42
CA CYS C 30 1.67 0.49 -1.31
C CYS C 30 1.18 1.87 -1.70
N GLY C 31 -0.04 2.18 -1.27
CA GLY C 31 -0.65 3.48 -1.47
C GLY C 31 0.01 4.60 -0.71
N TYR C 32 0.54 4.31 0.49
CA TYR C 32 1.32 5.32 1.22
C TYR C 32 2.53 5.71 0.38
N CYS C 33 3.19 4.72 -0.23
CA CYS C 33 4.28 5.03 -1.18
C CYS C 33 3.82 5.89 -2.37
N ASN C 34 2.69 5.51 -2.98
CA ASN C 34 2.09 6.36 -4.06
C ASN C 34 1.72 7.79 -3.68
N ARG C 35 1.24 7.99 -2.44
CA ARG C 35 0.94 9.33 -1.91
C ARG C 35 2.23 10.20 -1.82
N VAL C 36 3.32 9.62 -1.35
CA VAL C 36 4.59 10.34 -1.38
C VAL C 36 5.01 10.71 -2.81
N LYS C 37 4.88 9.78 -3.74
CA LYS C 37 5.19 10.03 -5.14
C LYS C 37 4.33 11.17 -5.69
N GLN C 38 3.03 11.13 -5.36
CA GLN C 38 2.08 12.20 -5.74
C GLN C 38 2.55 13.57 -5.23
N LEU C 39 2.89 13.65 -3.95
CA LEU C 39 3.39 14.89 -3.35
C LEU C 39 4.70 15.36 -3.95
N LEU C 40 5.61 14.46 -4.24
CA LEU C 40 6.84 14.87 -4.97
C LEU C 40 6.57 15.37 -6.39
N THR C 41 5.78 14.62 -7.14
CA THR C 41 5.41 15.05 -8.50
C THR C 41 4.67 16.40 -8.44
N GLN C 42 3.80 16.61 -7.45
CA GLN C 42 3.06 17.86 -7.32
C GLN C 42 4.01 19.06 -7.13
N VAL C 43 5.06 18.86 -6.33
CA VAL C 43 6.02 19.94 -6.12
C VAL C 43 7.07 20.04 -7.28
N GLY C 44 6.89 19.24 -8.34
CA GLY C 44 7.83 19.23 -9.47
C GLY C 44 9.23 18.66 -9.22
N ALA C 45 9.39 17.80 -8.23
CA ALA C 45 10.69 17.24 -7.89
C ALA C 45 10.96 16.03 -8.78
N SER C 46 12.23 15.79 -9.14
CA SER C 46 12.61 14.49 -9.70
C SER C 46 13.12 13.62 -8.55
N TYR C 47 12.91 12.31 -8.63
CA TYR C 47 13.30 11.50 -7.49
C TYR C 47 13.59 10.10 -7.99
N LYS C 48 14.36 9.35 -7.24
CA LYS C 48 14.59 7.97 -7.57
C LYS C 48 13.76 7.07 -6.65
N VAL C 49 13.12 6.06 -7.22
CA VAL C 49 12.33 5.15 -6.44
C VAL C 49 13.08 3.81 -6.38
N VAL C 50 13.27 3.30 -5.17
CA VAL C 50 13.84 1.97 -5.01
C VAL C 50 12.70 1.11 -4.58
N GLU C 51 12.15 0.30 -5.48
CA GLU C 51 11.07 -0.58 -5.08
C GLU C 51 11.68 -1.82 -4.43
N LEU C 52 11.56 -1.94 -3.11
CA LEU C 52 12.25 -3.01 -2.41
C LEU C 52 11.74 -4.40 -2.79
N ASP C 53 10.45 -4.53 -3.08
CA ASP C 53 9.85 -5.83 -3.45
C ASP C 53 10.27 -6.27 -4.87
N GLU C 54 11.00 -5.43 -5.58
CA GLU C 54 11.45 -5.88 -6.90
C GLU C 54 12.93 -6.24 -6.87
N LEU C 55 13.53 -6.20 -5.69
CA LEU C 55 14.93 -6.53 -5.53
C LEU C 55 15.06 -7.86 -4.78
N SER C 56 15.99 -8.73 -5.20
CA SER C 56 16.19 -10.00 -4.49
C SER C 56 16.69 -9.78 -3.06
N ASP C 57 17.50 -8.75 -2.83
CA ASP C 57 17.95 -8.43 -1.49
C ASP C 57 17.06 -7.35 -0.79
N GLY C 58 15.82 -7.19 -1.27
CA GLY C 58 14.91 -6.17 -0.75
C GLY C 58 14.72 -6.26 0.75
N SER C 59 14.51 -7.49 1.21
CA SER C 59 14.32 -7.83 2.62
C SER C 59 15.50 -7.31 3.44
N GLN C 60 16.71 -7.65 3.00
CA GLN C 60 17.92 -7.28 3.74
C GLN C 60 18.16 -5.78 3.73
N LEU C 61 17.86 -5.13 2.60
CA LEU C 61 17.93 -3.68 2.48
C LEU C 61 16.99 -2.98 3.44
N GLN C 62 15.78 -3.53 3.57
CA GLN C 62 14.76 -3.01 4.47
C GLN C 62 15.17 -3.11 5.93
N SER C 63 15.68 -4.27 6.37
CA SER C 63 16.13 -4.39 7.76
C SER C 63 17.39 -3.54 8.03
N ALA C 64 18.28 -3.44 7.04
CA ALA C 64 19.38 -2.46 7.12
C ALA C 64 18.82 -1.05 7.31
N LEU C 65 17.74 -0.71 6.61
CA LEU C 65 17.18 0.62 6.78
C LEU C 65 16.55 0.76 8.17
N ALA C 66 15.93 -0.31 8.65
CA ALA C 66 15.39 -0.34 10.01
C ALA C 66 16.48 -0.08 11.05
N HIS C 67 17.56 -0.86 10.99
CA HIS C 67 18.66 -0.69 11.94
C HIS C 67 19.26 0.71 11.86
N TRP C 68 19.38 1.24 10.64
CA TRP C 68 20.11 2.48 10.49
C TRP C 68 19.27 3.71 10.84
N THR C 69 18.03 3.74 10.33
CA THR C 69 17.22 4.96 10.37
C THR C 69 16.16 4.91 11.46
N GLY C 70 15.93 3.73 11.98
CA GLY C 70 14.85 3.52 12.91
C GLY C 70 13.47 3.48 12.24
N ARG C 71 13.45 3.47 10.92
CA ARG C 71 12.22 3.33 10.12
C ARG C 71 12.28 2.07 9.27
N GLY C 72 11.52 1.03 9.67
CA GLY C 72 11.54 -0.26 8.95
C GLY C 72 10.38 -0.46 7.99
N THR C 73 9.65 0.64 7.74
CA THR C 73 8.46 0.67 6.92
C THR C 73 8.75 1.49 5.65
N VAL C 74 7.90 1.36 4.64
CA VAL C 74 7.93 2.18 3.44
C VAL C 74 6.71 3.11 3.46
N PRO C 75 6.80 4.30 2.83
CA PRO C 75 7.99 4.82 2.16
C PRO C 75 9.04 5.32 3.17
N ASN C 76 10.29 5.27 2.76
CA ASN C 76 11.38 5.81 3.56
C ASN C 76 12.07 6.82 2.66
N VAL C 77 11.94 8.10 3.01
CA VAL C 77 12.31 9.19 2.11
C VAL C 77 13.59 9.90 2.54
N PHE C 78 14.48 10.10 1.58
CA PHE C 78 15.71 10.85 1.76
C PHE C 78 15.73 12.00 0.79
N ILE C 79 16.09 13.17 1.30
CA ILE C 79 16.34 14.31 0.47
C ILE C 79 17.74 14.85 0.77
N GLY C 80 18.55 14.96 -0.29
CA GLY C 80 19.95 15.38 -0.17
C GLY C 80 20.70 14.45 0.75
N GLY C 81 20.35 13.16 0.72
CA GLY C 81 21.05 12.17 1.56
C GLY C 81 20.69 12.19 3.04
N LYS C 82 19.78 13.09 3.42
CA LYS C 82 19.31 13.22 4.79
C LYS C 82 17.97 12.51 4.94
N GLN C 83 17.78 11.81 6.07
CA GLN C 83 16.55 11.13 6.41
C GLN C 83 15.42 12.11 6.62
N ILE C 84 14.36 11.97 5.82
CA ILE C 84 13.20 12.82 5.98
C ILE C 84 12.16 12.16 6.88
N GLY C 85 11.67 10.99 6.46
CA GLY C 85 10.70 10.25 7.23
C GLY C 85 9.85 9.45 6.26
N GLY C 86 8.60 9.26 6.62
CA GLY C 86 7.68 8.44 5.85
C GLY C 86 6.64 9.29 5.15
N CYS C 87 5.48 8.67 4.88
CA CYS C 87 4.36 9.36 4.22
C CYS C 87 3.81 10.48 5.12
N ASP C 88 3.50 10.17 6.38
CA ASP C 88 3.01 11.19 7.29
C ASP C 88 3.95 12.40 7.29
N THR C 89 5.26 12.15 7.42
CA THR C 89 6.23 13.23 7.35
C THR C 89 6.11 14.07 6.08
N VAL C 90 6.07 13.41 4.91
CA VAL C 90 6.04 14.15 3.65
C VAL C 90 4.74 14.98 3.51
N VAL C 91 3.62 14.39 3.90
CA VAL C 91 2.32 15.09 3.90
C VAL C 91 2.45 16.36 4.78
N GLU C 92 2.97 16.20 5.98
CA GLU C 92 3.21 17.37 6.88
C GLU C 92 4.11 18.49 6.29
N LYS C 93 5.22 18.11 5.68
CA LYS C 93 6.09 19.06 4.97
C LYS C 93 5.37 19.83 3.85
N HIS C 94 4.63 19.08 3.04
CA HIS C 94 3.75 19.72 2.07
C HIS C 94 2.73 20.67 2.74
N GLN C 95 2.01 20.19 3.74
CA GLN C 95 0.94 20.99 4.34
C GLN C 95 1.45 22.32 4.98
N ARG C 96 2.69 22.28 5.46
CA ARG C 96 3.32 23.47 6.03
C ARG C 96 4.24 24.23 5.04
N ASN C 97 4.26 23.84 3.76
CA ASN C 97 5.07 24.51 2.75
C ASN C 97 6.57 24.39 3.05
N GLU C 98 6.95 23.25 3.60
CA GLU C 98 8.33 23.08 3.97
C GLU C 98 9.06 22.17 2.97
N LEU C 99 8.29 21.50 2.10
CA LEU C 99 8.81 20.52 1.17
C LEU C 99 9.65 21.17 0.08
N LEU C 100 9.16 22.26 -0.49
CA LEU C 100 9.95 22.97 -1.50
C LEU C 100 11.34 23.48 -0.98
N PRO C 101 11.40 24.27 0.13
CA PRO C 101 12.72 24.62 0.71
C PRO C 101 13.67 23.44 0.96
N LEU C 102 13.19 22.29 1.42
CA LEU C 102 14.07 21.12 1.61
C LEU C 102 14.75 20.74 0.30
N LEU C 103 13.95 20.75 -0.76
CA LEU C 103 14.40 20.33 -2.09
C LEU C 103 15.41 21.33 -2.62
N GLN C 104 15.07 22.61 -2.50
CA GLN C 104 15.90 23.66 -3.03
C GLN C 104 17.20 23.83 -2.23
N ASP C 105 17.14 23.68 -0.92
CA ASP C 105 18.33 23.76 -0.08
C ASP C 105 19.29 22.60 -0.35
N ALA C 106 18.75 21.40 -0.52
CA ALA C 106 19.56 20.24 -0.88
C ALA C 106 20.22 20.46 -2.25
N ALA C 107 19.47 21.02 -3.20
CA ALA C 107 20.01 21.22 -4.53
C ALA C 107 21.13 22.28 -4.51
N ALA C 108 20.89 23.36 -3.76
CA ALA C 108 21.87 24.42 -3.62
C ALA C 108 23.20 23.86 -3.05
N THR C 109 23.09 23.02 -2.03
CA THR C 109 24.24 22.39 -1.41
C THR C 109 25.01 21.50 -2.38
N ALA C 110 24.28 20.80 -3.25
CA ALA C 110 24.89 19.85 -4.21
C ALA C 110 25.50 20.53 -5.43
N LYS C 111 25.09 21.77 -5.73
CA LYS C 111 25.50 22.47 -6.95
C LYS C 111 26.96 22.93 -6.85
N THR C 112 27.77 22.52 -7.83
CA THR C 112 29.18 22.96 -7.94
C THR C 112 29.93 22.82 -6.59
N SER C 113 29.97 21.63 -6.03
CA SER C 113 30.56 21.48 -4.68
C SER C 113 32.08 21.72 -4.68
N ALA C 114 32.65 22.06 -3.53
CA ALA C 114 34.11 22.24 -3.36
C ALA C 114 34.85 20.96 -3.73
N GLN C 115 35.95 21.08 -4.47
CA GLN C 115 36.78 19.89 -4.75
C GLN C 115 37.52 19.38 -3.50
N LEU C 116 37.88 20.28 -2.60
CA LEU C 116 38.50 19.88 -1.33
C LEU C 116 37.50 19.92 -0.17
N ASP D 7 16.73 6.18 22.38
CA ASP D 7 17.60 6.00 23.58
C ASP D 7 16.81 5.80 24.90
N ALA D 8 15.96 6.77 25.25
CA ALA D 8 15.03 6.59 26.34
C ALA D 8 14.10 5.48 25.88
N ALA D 9 13.56 5.66 24.67
CA ALA D 9 12.71 4.66 24.05
C ALA D 9 13.46 3.34 23.88
N LEU D 10 14.75 3.38 23.54
CA LEU D 10 15.54 2.14 23.39
C LEU D 10 15.64 1.38 24.72
N LYS D 11 15.86 2.12 25.81
CA LYS D 11 15.90 1.58 27.17
C LYS D 11 14.56 0.99 27.62
N LYS D 12 13.49 1.78 27.46
CA LYS D 12 12.13 1.31 27.78
C LYS D 12 11.79 0.03 26.98
N ALA D 13 12.12 0.01 25.68
CA ALA D 13 11.82 -1.12 24.77
C ALA D 13 12.52 -2.39 25.24
N LYS D 14 13.79 -2.27 25.60
CA LYS D 14 14.57 -3.43 26.04
C LYS D 14 14.02 -3.96 27.37
N GLU D 15 13.68 -3.04 28.28
CA GLU D 15 13.11 -3.38 29.57
C GLU D 15 11.79 -4.09 29.32
N LEU D 16 10.94 -3.47 28.49
CA LEU D 16 9.65 -4.08 28.15
C LEU D 16 9.79 -5.49 27.61
N ALA D 17 10.71 -5.68 26.67
CA ALA D 17 10.89 -6.96 25.99
C ALA D 17 11.32 -8.07 26.93
N SER D 18 11.91 -7.67 28.06
CA SER D 18 12.38 -8.60 29.07
C SER D 18 11.47 -8.73 30.30
N SER D 19 10.35 -7.99 30.29
CA SER D 19 9.51 -7.90 31.48
C SER D 19 8.54 -9.06 31.67
N ALA D 20 8.51 -9.99 30.71
CA ALA D 20 7.73 -11.19 30.85
C ALA D 20 8.38 -12.32 30.05
N PRO D 21 8.04 -13.58 30.36
CA PRO D 21 8.46 -14.71 29.53
C PRO D 21 8.12 -14.59 28.02
N VAL D 22 6.95 -14.02 27.69
CA VAL D 22 6.59 -13.71 26.29
C VAL D 22 6.07 -12.26 26.21
N VAL D 23 6.66 -11.47 25.30
CA VAL D 23 6.26 -10.07 25.14
C VAL D 23 5.95 -9.82 23.69
N VAL D 24 4.74 -9.32 23.42
CA VAL D 24 4.31 -8.99 22.06
C VAL D 24 4.13 -7.48 21.96
N PHE D 25 4.94 -6.81 21.12
CA PHE D 25 4.73 -5.40 20.82
C PHE D 25 3.74 -5.39 19.70
N SER D 26 2.73 -4.54 19.82
CA SER D 26 1.52 -4.72 19.02
C SER D 26 0.84 -3.37 18.70
N LYS D 27 -0.18 -3.44 17.84
CA LYS D 27 -1.12 -2.34 17.64
C LYS D 27 -2.52 -2.97 17.54
N THR D 28 -3.48 -2.32 18.18
CA THR D 28 -4.81 -2.90 18.41
C THR D 28 -5.52 -3.26 17.09
N TYR D 29 -5.25 -2.50 16.03
CA TYR D 29 -5.93 -2.71 14.75
C TYR D 29 -5.22 -3.71 13.82
N CYS D 30 -4.11 -4.27 14.26
CA CYS D 30 -3.27 -5.07 13.38
C CYS D 30 -3.72 -6.53 13.32
N GLY D 31 -4.12 -6.99 12.12
CA GLY D 31 -4.56 -8.39 11.92
C GLY D 31 -3.45 -9.41 12.19
N TYR D 32 -2.20 -9.05 11.89
CA TYR D 32 -1.09 -9.98 12.18
C TYR D 32 -0.87 -10.14 13.67
N CYS D 33 -1.14 -9.07 14.43
CA CYS D 33 -1.03 -9.12 15.90
C CYS D 33 -2.11 -10.01 16.45
N ASN D 34 -3.35 -9.80 15.99
CA ASN D 34 -4.45 -10.71 16.31
C ASN D 34 -4.09 -12.16 16.02
N ARG D 35 -3.52 -12.44 14.86
CA ARG D 35 -3.15 -13.83 14.54
C ARG D 35 -2.17 -14.40 15.58
N VAL D 36 -1.10 -13.67 15.89
CA VAL D 36 -0.15 -14.18 16.91
C VAL D 36 -0.82 -14.37 18.28
N LYS D 37 -1.62 -13.39 18.68
CA LYS D 37 -2.33 -13.42 19.94
C LYS D 37 -3.26 -14.65 20.03
N GLN D 38 -3.97 -14.93 18.93
CA GLN D 38 -4.88 -16.08 18.85
C GLN D 38 -4.07 -17.37 19.03
N LEU D 39 -2.99 -17.50 18.27
CA LEU D 39 -2.09 -18.65 18.32
C LEU D 39 -1.48 -18.89 19.68
N LEU D 40 -0.98 -17.82 20.31
CA LEU D 40 -0.38 -17.95 21.61
C LEU D 40 -1.38 -18.39 22.66
N THR D 41 -2.62 -17.88 22.61
CA THR D 41 -3.62 -18.32 23.60
C THR D 41 -4.23 -19.70 23.31
N GLN D 42 -4.35 -20.07 22.02
CA GLN D 42 -4.70 -21.44 21.59
C GLN D 42 -3.79 -22.42 22.34
N VAL D 43 -2.48 -22.27 22.15
CA VAL D 43 -1.48 -23.15 22.75
C VAL D 43 -1.30 -22.97 24.25
N GLY D 44 -2.12 -22.12 24.87
CA GLY D 44 -2.12 -21.96 26.33
C GLY D 44 -1.01 -21.11 26.96
N ALA D 45 -0.33 -20.28 26.17
CA ALA D 45 0.71 -19.42 26.73
C ALA D 45 0.17 -18.11 27.33
N SER D 46 0.80 -17.69 28.41
CA SER D 46 0.63 -16.36 28.98
C SER D 46 1.64 -15.42 28.30
N TYR D 47 1.24 -14.17 28.04
CA TYR D 47 2.14 -13.18 27.41
C TYR D 47 1.70 -11.76 27.73
N LYS D 48 2.68 -10.88 27.79
CA LYS D 48 2.46 -9.46 27.97
C LYS D 48 2.30 -8.82 26.59
N VAL D 49 1.34 -7.93 26.47
CA VAL D 49 1.18 -7.15 25.24
C VAL D 49 1.37 -5.65 25.53
N VAL D 50 2.13 -5.02 24.63
CA VAL D 50 2.37 -3.58 24.66
C VAL D 50 1.79 -3.02 23.36
N GLU D 51 0.62 -2.40 23.46
CA GLU D 51 -0.03 -1.82 22.30
C GLU D 51 0.55 -0.43 22.03
N LEU D 52 1.38 -0.33 20.97
CA LEU D 52 2.10 0.92 20.66
C LEU D 52 1.18 2.09 20.30
N ASP D 53 0.04 1.77 19.68
CA ASP D 53 -0.90 2.82 19.28
C ASP D 53 -1.68 3.41 20.47
N GLU D 54 -1.51 2.86 21.67
CA GLU D 54 -2.16 3.45 22.86
C GLU D 54 -1.20 4.25 23.74
N LEU D 55 0.01 4.48 23.20
CA LEU D 55 1.06 5.13 23.96
C LEU D 55 1.49 6.41 23.26
N SER D 56 1.69 7.43 24.07
CA SER D 56 2.19 8.72 23.60
C SER D 56 3.56 8.58 22.94
N ASP D 57 4.42 7.78 23.53
CA ASP D 57 5.77 7.50 23.01
C ASP D 57 5.80 6.26 22.07
N GLY D 58 4.63 5.85 21.60
CA GLY D 58 4.51 4.64 20.76
C GLY D 58 5.34 4.65 19.48
N SER D 59 5.38 5.78 18.78
CA SER D 59 6.21 5.83 17.55
C SER D 59 7.71 5.83 17.85
N GLN D 60 8.11 6.43 18.98
CA GLN D 60 9.51 6.36 19.43
C GLN D 60 9.92 4.94 19.80
N LEU D 61 9.01 4.23 20.47
CA LEU D 61 9.23 2.85 20.85
C LEU D 61 9.38 1.93 19.63
N GLN D 62 8.53 2.14 18.61
CA GLN D 62 8.59 1.39 17.36
C GLN D 62 9.91 1.63 16.62
N SER D 63 10.34 2.87 16.66
CA SER D 63 11.58 3.28 16.04
C SER D 63 12.79 2.68 16.80
N ALA D 64 12.73 2.65 18.13
CA ALA D 64 13.72 1.92 18.94
C ALA D 64 13.81 0.43 18.57
N LEU D 65 12.66 -0.22 18.45
CA LEU D 65 12.62 -1.62 18.00
C LEU D 65 13.20 -1.89 16.58
N ALA D 66 12.94 -0.98 15.64
CA ALA D 66 13.53 -1.06 14.31
C ALA D 66 15.06 -0.96 14.44
N HIS D 67 15.55 0.11 15.09
CA HIS D 67 16.98 0.27 15.36
C HIS D 67 17.62 -1.02 15.93
N TRP D 68 17.00 -1.57 16.96
CA TRP D 68 17.57 -2.69 17.72
C TRP D 68 17.38 -4.03 17.01
N THR D 69 16.15 -4.30 16.53
CA THR D 69 15.83 -5.62 16.01
C THR D 69 15.94 -5.75 14.50
N GLY D 70 15.96 -4.63 13.75
CA GLY D 70 15.81 -4.67 12.28
C GLY D 70 14.39 -4.89 11.72
N ARG D 71 13.40 -5.01 12.59
CA ARG D 71 12.00 -5.17 12.20
C ARG D 71 11.26 -3.88 12.51
N GLY D 72 10.58 -3.31 11.52
CA GLY D 72 9.92 -2.02 11.70
C GLY D 72 8.40 -2.10 11.79
N THR D 73 7.89 -3.33 11.92
CA THR D 73 6.47 -3.60 11.93
C THR D 73 6.04 -4.30 13.22
N VAL D 74 4.73 -4.37 13.44
CA VAL D 74 4.13 -5.16 14.49
C VAL D 74 3.44 -6.39 13.85
N PRO D 75 3.36 -7.52 14.57
CA PRO D 75 3.88 -7.77 15.90
C PRO D 75 5.41 -7.93 15.88
N ASN D 76 6.01 -7.63 17.03
CA ASN D 76 7.42 -7.89 17.31
C ASN D 76 7.44 -8.74 18.57
N VAL D 77 7.76 -10.03 18.40
CA VAL D 77 7.58 -11.02 19.48
C VAL D 77 8.89 -11.45 20.14
N PHE D 78 8.88 -11.44 21.48
CA PHE D 78 10.00 -11.89 22.30
C PHE D 78 9.56 -13.07 23.13
N ILE D 79 10.47 -14.03 23.31
CA ILE D 79 10.30 -15.16 24.22
C ILE D 79 11.56 -15.33 25.04
N GLY D 80 11.41 -15.34 26.36
CA GLY D 80 12.54 -15.33 27.29
C GLY D 80 13.53 -14.22 26.99
N GLY D 81 13.02 -13.03 26.68
CA GLY D 81 13.87 -11.87 26.37
C GLY D 81 14.58 -11.93 25.03
N LYS D 82 14.28 -12.96 24.24
CA LYS D 82 14.97 -13.13 22.97
C LYS D 82 14.05 -12.78 21.78
N GLN D 83 14.58 -12.02 20.82
CA GLN D 83 13.87 -11.70 19.57
C GLN D 83 13.45 -12.96 18.80
N ILE D 84 12.16 -13.09 18.50
CA ILE D 84 11.65 -14.22 17.69
C ILE D 84 11.38 -13.70 16.28
N GLY D 85 10.55 -12.66 16.18
CA GLY D 85 10.18 -12.08 14.92
C GLY D 85 8.73 -11.60 14.92
N GLY D 86 8.08 -11.70 13.76
CA GLY D 86 6.70 -11.22 13.56
C GLY D 86 5.73 -12.38 13.50
N CYS D 87 4.57 -12.12 12.90
CA CYS D 87 3.50 -13.10 12.81
C CYS D 87 3.96 -14.33 12.03
N ASP D 88 4.44 -14.09 10.82
CA ASP D 88 4.93 -15.16 9.96
C ASP D 88 6.01 -16.02 10.62
N THR D 89 7.00 -15.37 11.23
CA THR D 89 8.02 -16.08 12.00
C THR D 89 7.42 -17.02 13.05
N VAL D 90 6.50 -16.50 13.86
CA VAL D 90 5.87 -17.29 14.92
C VAL D 90 4.97 -18.40 14.34
N VAL D 91 4.12 -18.07 13.35
CA VAL D 91 3.21 -19.06 12.76
C VAL D 91 3.99 -20.24 12.17
N GLU D 92 4.99 -19.92 11.36
CA GLU D 92 5.76 -20.91 10.63
C GLU D 92 6.66 -21.78 11.54
N LYS D 93 7.24 -21.19 12.59
CA LYS D 93 7.90 -21.99 13.66
C LYS D 93 6.95 -22.99 14.30
N HIS D 94 5.77 -22.52 14.70
CA HIS D 94 4.78 -23.36 15.34
C HIS D 94 4.29 -24.55 14.49
N GLN D 95 4.06 -24.33 13.18
CA GLN D 95 3.73 -25.42 12.26
C GLN D 95 4.84 -26.50 12.25
N ARG D 96 6.10 -26.07 12.16
CA ARG D 96 7.26 -26.96 12.22
C ARG D 96 7.76 -27.25 13.66
N ASN D 97 6.84 -27.12 14.63
CA ASN D 97 7.01 -27.61 16.01
C ASN D 97 8.08 -26.97 16.89
N GLU D 98 8.63 -25.86 16.42
CA GLU D 98 9.73 -25.19 17.11
C GLU D 98 9.26 -24.18 18.17
N LEU D 99 7.96 -23.94 18.29
CA LEU D 99 7.50 -22.86 19.16
C LEU D 99 7.15 -23.29 20.59
N LEU D 100 6.43 -24.39 20.73
CA LEU D 100 6.12 -24.94 22.06
C LEU D 100 7.35 -25.21 22.95
N PRO D 101 8.45 -25.80 22.40
CA PRO D 101 9.69 -25.89 23.20
C PRO D 101 10.09 -24.53 23.81
N LEU D 102 10.54 -23.58 22.98
CA LEU D 102 10.80 -22.18 23.37
C LEU D 102 9.90 -21.59 24.48
N LEU D 103 8.59 -21.66 24.28
CA LEU D 103 7.60 -21.21 25.27
C LEU D 103 7.69 -21.94 26.61
N GLN D 104 7.86 -23.26 26.56
CA GLN D 104 7.99 -24.09 27.77
C GLN D 104 9.28 -23.75 28.49
N ASP D 105 10.36 -23.60 27.72
CA ASP D 105 11.64 -23.19 28.27
C ASP D 105 11.57 -21.84 28.99
N ALA D 106 10.85 -20.89 28.40
CA ALA D 106 10.75 -19.54 28.94
C ALA D 106 9.84 -19.43 30.16
N ALA D 107 8.94 -20.40 30.33
CA ALA D 107 7.91 -20.37 31.37
C ALA D 107 8.41 -20.87 32.73
#